data_7HK4
#
_entry.id   7HK4
#
_cell.length_a   26.131
_cell.length_b   47.258
_cell.length_c   46.402
_cell.angle_alpha   90.000
_cell.angle_beta   103.250
_cell.angle_gamma   90.000
#
_symmetry.space_group_name_H-M   'P 1 21 1'
#
loop_
_entity.id
_entity.type
_entity.pdbx_description
1 polymer 'De novo designed ABLE protein'
2 non-polymer '2-chloranyl-6~{H}-thieno[2,3-b]pyrrole-5-carboxylic acid'
3 water water
#
_entity_poly.entity_id   1
_entity_poly.type   'polypeptide(L)'
_entity_poly.pdbx_seq_one_letter_code
;SVKSEYAEAAAVGQEAVAVFNTMKAAFQNGDKEAVAQYLARLASLYTRHEELLNRILEKARREGNKEAVTLMNEFTATFQ
TGKSIFNAMVAAFKNGDDDSFESYLQALEKVTAKGETLADQIAKAL
;
_entity_poly.pdbx_strand_id   A
#
# COMPACT_ATOMS: atom_id res chain seq x y z
N SER A 1 -8.68 5.70 19.68
CA SER A 1 -7.51 6.59 19.55
C SER A 1 -6.89 6.53 18.16
N VAL A 2 -5.92 7.40 17.93
CA VAL A 2 -5.21 7.34 16.66
C VAL A 2 -4.42 6.04 16.58
N LYS A 3 -3.99 5.51 17.73
N LYS A 3 -3.99 5.50 17.74
CA LYS A 3 -3.22 4.27 17.73
CA LYS A 3 -3.22 4.27 17.73
C LYS A 3 -4.09 3.10 17.30
C LYS A 3 -4.08 3.08 17.32
N SER A 4 -5.33 3.03 17.78
CA SER A 4 -6.23 1.98 17.35
C SER A 4 -6.67 2.18 15.89
N GLU A 5 -6.78 3.43 15.46
CA GLU A 5 -7.05 3.68 14.06
C GLU A 5 -5.88 3.21 13.20
N TYR A 6 -4.65 3.29 13.70
CA TYR A 6 -3.53 2.80 12.92
C TYR A 6 -3.51 1.28 12.87
N ALA A 7 -3.87 0.63 13.97
CA ALA A 7 -3.96 -0.84 13.94
C ALA A 7 -5.02 -1.32 12.95
N GLU A 8 -6.12 -0.58 12.85
CA GLU A 8 -7.14 -0.89 11.86
C GLU A 8 -6.59 -0.68 10.44
N ALA A 9 -5.84 0.39 10.23
CA ALA A 9 -5.19 0.63 8.96
C ALA A 9 -4.18 -0.46 8.65
N ALA A 10 -3.42 -0.88 9.66
CA ALA A 10 -2.43 -1.93 9.44
C ALA A 10 -3.11 -3.24 9.00
N ALA A 11 -4.27 -3.53 9.57
CA ALA A 11 -4.96 -4.77 9.18
C ALA A 11 -5.40 -4.70 7.73
N VAL A 12 -5.93 -3.56 7.31
CA VAL A 12 -6.33 -3.41 5.91
C VAL A 12 -5.11 -3.60 5.01
N GLY A 13 -3.96 -3.05 5.42
CA GLY A 13 -2.73 -3.30 4.68
C GLY A 13 -2.36 -4.78 4.59
N GLN A 14 -2.48 -5.52 5.69
CA GLN A 14 -2.20 -6.95 5.67
C GLN A 14 -3.20 -7.71 4.81
N GLU A 15 -4.43 -7.23 4.72
CA GLU A 15 -5.39 -7.87 3.83
C GLU A 15 -4.93 -7.74 2.37
N ALA A 16 -4.45 -6.56 2.01
CA ALA A 16 -3.93 -6.38 0.66
C ALA A 16 -2.73 -7.27 0.43
N VAL A 17 -1.85 -7.43 1.43
CA VAL A 17 -0.73 -8.36 1.25
C VAL A 17 -1.25 -9.76 0.95
N ALA A 18 -2.27 -10.18 1.69
CA ALA A 18 -2.79 -11.52 1.47
C ALA A 18 -3.37 -11.68 0.07
N VAL A 19 -4.21 -10.75 -0.33
CA VAL A 19 -4.83 -10.84 -1.66
C VAL A 19 -3.78 -10.73 -2.75
N PHE A 20 -2.77 -9.89 -2.55
CA PHE A 20 -1.68 -9.75 -3.52
C PHE A 20 -0.97 -11.07 -3.74
N ASN A 21 -0.67 -11.82 -2.67
N ASN A 21 -0.62 -11.77 -2.66
CA ASN A 21 0.02 -13.09 -2.86
CA ASN A 21 0.06 -13.05 -2.80
C ASN A 21 -0.86 -14.11 -3.58
C ASN A 21 -0.85 -14.12 -3.35
N THR A 22 -2.14 -14.17 -3.25
N THR A 22 -2.17 -13.97 -3.19
CA THR A 22 -3.05 -15.02 -3.99
CA THR A 22 -3.10 -14.86 -3.87
C THR A 22 -3.11 -14.61 -5.45
C THR A 22 -3.18 -14.54 -5.36
N MET A 23 -3.10 -13.30 -5.72
N MET A 23 -3.05 -13.26 -5.72
CA MET A 23 -3.09 -12.79 -7.08
CA MET A 23 -3.10 -12.87 -7.12
C MET A 23 -1.82 -13.21 -7.84
C MET A 23 -1.82 -13.24 -7.85
N LYS A 24 -0.66 -13.13 -7.17
CA LYS A 24 0.60 -13.52 -7.79
C LYS A 24 0.57 -14.99 -8.19
N ALA A 25 0.02 -15.84 -7.32
CA ALA A 25 -0.14 -17.26 -7.66
C ALA A 25 -1.03 -17.44 -8.88
N ALA A 26 -2.15 -16.73 -8.92
CA ALA A 26 -3.06 -16.84 -10.06
C ALA A 26 -2.41 -16.36 -11.35
N PHE A 27 -1.63 -15.27 -11.30
CA PHE A 27 -0.92 -14.77 -12.47
C PHE A 27 0.05 -15.82 -12.99
N GLN A 28 0.85 -16.38 -12.08
CA GLN A 28 1.80 -17.41 -12.50
C GLN A 28 1.07 -18.58 -13.13
N ASN A 29 -0.12 -18.93 -12.61
CA ASN A 29 -0.86 -20.07 -13.16
C ASN A 29 -1.63 -19.74 -14.42
N GLY A 30 -1.70 -18.46 -14.80
CA GLY A 30 -2.39 -18.10 -16.01
C GLY A 30 -3.89 -17.97 -15.88
N ASP A 31 -4.40 -17.83 -14.64
CA ASP A 31 -5.84 -17.75 -14.36
C ASP A 31 -6.21 -16.26 -14.41
N LYS A 32 -6.37 -15.74 -15.63
N LYS A 32 -6.40 -15.75 -15.62
CA LYS A 32 -6.56 -14.30 -15.79
CA LYS A 32 -6.59 -14.31 -15.79
C LYS A 32 -7.90 -13.85 -15.23
C LYS A 32 -7.94 -13.85 -15.23
N GLU A 33 -8.91 -14.70 -15.24
N GLU A 33 -8.95 -14.72 -15.25
CA GLU A 33 -10.19 -14.31 -14.66
CA GLU A 33 -10.23 -14.34 -14.65
C GLU A 33 -10.03 -14.03 -13.18
C GLU A 33 -10.09 -14.07 -13.16
N ALA A 34 -9.26 -14.87 -12.49
CA ALA A 34 -9.00 -14.65 -11.07
C ALA A 34 -8.19 -13.39 -10.88
N VAL A 35 -7.12 -13.24 -11.67
CA VAL A 35 -6.30 -12.03 -11.52
C VAL A 35 -7.14 -10.78 -11.63
N ALA A 36 -8.01 -10.71 -12.65
CA ALA A 36 -8.85 -9.52 -12.81
C ALA A 36 -9.64 -9.20 -11.53
N GLN A 37 -10.24 -10.21 -10.94
CA GLN A 37 -11.01 -10.01 -9.72
C GLN A 37 -10.13 -9.58 -8.55
N TYR A 38 -8.98 -10.22 -8.38
CA TYR A 38 -8.07 -9.82 -7.32
C TYR A 38 -7.56 -8.40 -7.51
N LEU A 39 -7.31 -7.99 -8.76
CA LEU A 39 -6.86 -6.62 -8.98
C LEU A 39 -7.94 -5.60 -8.60
N ALA A 40 -9.21 -5.90 -8.88
CA ALA A 40 -10.30 -5.05 -8.41
C ALA A 40 -10.33 -5.00 -6.88
N ARG A 41 -10.18 -6.16 -6.24
N ARG A 41 -10.19 -6.15 -6.25
CA ARG A 41 -10.19 -6.20 -4.78
CA ARG A 41 -10.27 -6.20 -4.78
C ARG A 41 -9.06 -5.34 -4.21
C ARG A 41 -9.08 -5.51 -4.13
N LEU A 42 -7.86 -5.48 -4.78
N LEU A 42 -7.90 -5.61 -4.75
CA LEU A 42 -6.72 -4.69 -4.33
CA LEU A 42 -6.74 -4.90 -4.23
C LEU A 42 -6.93 -3.21 -4.54
C LEU A 42 -6.89 -3.39 -4.38
N ALA A 43 -7.53 -2.82 -5.67
N ALA A 43 -7.52 -2.93 -5.48
CA ALA A 43 -7.76 -1.38 -5.87
CA ALA A 43 -7.77 -1.50 -5.62
C ALA A 43 -8.60 -0.81 -4.75
C ALA A 43 -8.69 -1.00 -4.51
N SER A 44 -9.68 -1.51 -4.40
N SER A 44 -9.62 -1.83 -4.07
CA SER A 44 -10.56 -1.07 -3.33
CA SER A 44 -10.53 -1.43 -3.01
C SER A 44 -9.83 -1.03 -1.99
C SER A 44 -9.84 -1.46 -1.64
N LEU A 45 -9.03 -2.06 -1.70
N LEU A 45 -8.85 -2.34 -1.46
CA LEU A 45 -8.26 -2.10 -0.46
CA LEU A 45 -8.11 -2.39 -0.21
C LEU A 45 -7.26 -0.96 -0.38
C LEU A 45 -7.05 -1.30 -0.13
N TYR A 46 -6.49 -0.74 -1.44
N TYR A 46 -6.46 -0.96 -1.27
CA TYR A 46 -5.55 0.37 -1.43
CA TYR A 46 -5.47 0.12 -1.30
C TYR A 46 -6.27 1.71 -1.27
C TYR A 46 -6.12 1.49 -1.17
N THR A 47 -7.39 1.90 -1.97
N THR A 47 -7.34 1.66 -1.66
CA THR A 47 -8.14 3.13 -1.77
CA THR A 47 -8.02 2.95 -1.53
C THR A 47 -8.51 3.32 -0.31
C THR A 47 -8.52 3.17 -0.11
N ARG A 48 -8.94 2.26 0.36
N ARG A 48 -9.12 2.15 0.51
CA ARG A 48 -9.32 2.32 1.77
CA ARG A 48 -9.51 2.26 1.91
C ARG A 48 -8.10 2.60 2.65
C ARG A 48 -8.29 2.55 2.77
N HIS A 49 -7.00 1.89 2.42
N HIS A 49 -7.18 1.85 2.53
CA HIS A 49 -5.80 2.07 3.22
CA HIS A 49 -5.97 2.12 3.29
C HIS A 49 -5.31 3.51 3.13
C HIS A 49 -5.48 3.54 3.06
N GLU A 50 -5.17 4.02 1.91
N GLU A 50 -5.65 4.07 1.85
CA GLU A 50 -4.73 5.39 1.71
CA GLU A 50 -5.23 5.42 1.54
C GLU A 50 -5.60 6.37 2.50
C GLU A 50 -5.98 6.44 2.38
N GLU A 51 -6.91 6.14 2.52
N GLU A 51 -7.31 6.34 2.41
CA GLU A 51 -7.80 7.08 3.21
CA GLU A 51 -8.10 7.31 3.17
C GLU A 51 -7.58 7.05 4.73
C GLU A 51 -7.93 7.12 4.67
N LEU A 52 -7.46 5.86 5.31
N LEU A 52 -7.68 5.90 5.13
CA LEU A 52 -7.17 5.76 6.74
CA LEU A 52 -7.45 5.67 6.55
C LEU A 52 -5.83 6.38 7.08
C LEU A 52 -6.10 6.23 6.98
N LEU A 53 -4.83 6.17 6.22
N LEU A 53 -5.07 6.06 6.14
CA LEU A 53 -3.51 6.74 6.45
CA LEU A 53 -3.78 6.66 6.44
C LEU A 53 -3.58 8.26 6.48
C LEU A 53 -3.86 8.18 6.38
N ASN A 54 -4.39 8.86 5.61
N ASN A 54 -4.63 8.73 5.44
CA ASN A 54 -4.47 10.31 5.57
CA ASN A 54 -4.74 10.18 5.33
C ASN A 54 -5.17 10.83 6.81
C ASN A 54 -5.35 10.79 6.58
N ARG A 55 -6.21 10.14 7.25
N ARG A 55 -6.37 10.15 7.12
CA ARG A 55 -6.88 10.53 8.50
CA ARG A 55 -7.00 10.65 8.36
C ARG A 55 -5.95 10.40 9.69
C ARG A 55 -5.99 10.65 9.50
N ILE A 56 -5.05 9.41 9.68
N ILE A 56 -5.30 9.53 9.69
CA ILE A 56 -4.07 9.26 10.74
CA ILE A 56 -4.35 9.37 10.79
C ILE A 56 -3.08 10.41 10.71
C ILE A 56 -3.28 10.46 10.74
N LEU A 57 -2.61 10.77 9.51
N LEU A 57 -2.74 10.72 9.55
CA LEU A 57 -1.63 11.86 9.39
CA LEU A 57 -1.73 11.76 9.41
C LEU A 57 -2.25 13.19 9.77
C LEU A 57 -2.29 13.12 9.81
N GLU A 58 -3.48 13.45 9.30
CA GLU A 58 -4.13 14.70 9.68
C GLU A 58 -4.36 14.78 11.19
N LYS A 59 -4.72 13.67 11.82
CA LYS A 59 -4.95 13.67 13.26
C LYS A 59 -3.63 13.90 14.02
N ALA A 60 -2.58 13.21 13.60
CA ALA A 60 -1.28 13.44 14.20
C ALA A 60 -0.87 14.90 14.08
N ARG A 61 -1.20 15.55 12.94
CA ARG A 61 -0.89 16.97 12.77
C ARG A 61 -1.66 17.83 13.74
N ARG A 62 -2.96 17.55 13.88
CA ARG A 62 -3.77 18.36 14.79
C ARG A 62 -3.34 18.15 16.23
N GLU A 63 -2.81 16.97 16.55
N GLU A 63 -2.81 16.97 16.56
CA GLU A 63 -2.30 16.63 17.87
CA GLU A 63 -2.32 16.66 17.89
C GLU A 63 -0.93 17.21 18.12
C GLU A 63 -0.93 17.22 18.13
N GLY A 64 -0.27 17.75 17.10
CA GLY A 64 1.08 18.27 17.26
C GLY A 64 2.14 17.22 17.48
N ASN A 65 1.92 15.99 17.01
CA ASN A 65 2.83 14.88 17.28
C ASN A 65 3.89 14.89 16.19
N LYS A 66 4.88 15.75 16.39
N LYS A 66 4.89 15.75 16.39
CA LYS A 66 5.83 16.05 15.30
CA LYS A 66 5.85 16.06 15.33
C LYS A 66 6.50 14.79 14.79
C LYS A 66 6.50 14.79 14.79
N GLU A 67 6.96 13.90 15.68
CA GLU A 67 7.66 12.70 15.19
C GLU A 67 6.72 11.83 14.37
N ALA A 68 5.50 11.62 14.85
CA ALA A 68 4.56 10.81 14.08
C ALA A 68 4.26 11.45 12.74
N VAL A 69 4.17 12.79 12.69
CA VAL A 69 3.93 13.46 11.41
C VAL A 69 5.09 13.23 10.44
N THR A 70 6.33 13.38 10.93
CA THR A 70 7.50 13.13 10.09
C THR A 70 7.46 11.74 9.48
N LEU A 71 7.24 10.73 10.33
CA LEU A 71 7.24 9.35 9.86
C LEU A 71 6.09 9.07 8.91
N MET A 72 4.91 9.60 9.21
N MET A 72 4.90 9.60 9.21
CA MET A 72 3.75 9.43 8.32
CA MET A 72 3.76 9.40 8.32
C MET A 72 3.89 10.18 7.01
C MET A 72 4.00 10.07 6.97
N ASN A 73 4.53 11.36 7.01
N ASN A 73 4.67 11.23 6.95
CA ASN A 73 4.84 12.00 5.73
CA ASN A 73 4.97 11.87 5.67
C ASN A 73 5.74 11.12 4.87
C ASN A 73 5.91 11.00 4.85
N GLU A 74 6.78 10.53 5.46
N GLU A 74 6.94 10.45 5.48
CA GLU A 74 7.63 9.60 4.72
CA GLU A 74 7.81 9.51 4.78
C GLU A 74 6.84 8.39 4.25
C GLU A 74 7.05 8.28 4.33
N PHE A 75 6.03 7.82 5.15
N PHE A 75 6.10 7.82 5.14
CA PHE A 75 5.34 6.58 4.83
CA PHE A 75 5.34 6.63 4.79
C PHE A 75 4.30 6.79 3.75
C PHE A 75 4.37 6.91 3.65
N THR A 76 3.56 7.89 3.80
N THR A 76 3.60 8.00 3.75
CA THR A 76 2.56 8.15 2.75
CA THR A 76 2.65 8.36 2.71
C THR A 76 3.23 8.40 1.41
C THR A 76 3.35 8.73 1.40
N ALA A 77 4.40 9.05 1.40
N ALA A 77 4.65 9.03 1.43
CA ALA A 77 5.12 9.19 0.14
CA ALA A 77 5.40 9.24 0.19
C ALA A 77 5.45 7.83 -0.45
C ALA A 77 5.64 7.92 -0.51
N THR A 78 5.95 6.92 0.39
N THR A 78 6.07 6.90 0.24
CA THR A 78 6.31 5.59 -0.10
CA THR A 78 6.22 5.57 -0.35
C THR A 78 5.08 4.82 -0.53
C THR A 78 4.88 5.04 -0.83
N PHE A 79 3.95 4.98 0.18
N PHE A 79 3.78 5.41 -0.17
CA PHE A 79 2.70 4.38 -0.24
CA PHE A 79 2.47 4.93 -0.59
C PHE A 79 2.35 4.80 -1.66
C PHE A 79 2.12 5.41 -1.99
N GLN A 80 2.56 6.09 -1.99
N GLN A 80 2.54 6.63 -2.34
CA GLN A 80 2.27 6.56 -3.35
CA GLN A 80 2.23 7.15 -3.67
C GLN A 80 3.19 5.94 -4.38
C GLN A 80 3.04 6.45 -4.74
N THR A 81 4.44 5.65 -4.02
N THR A 81 4.26 6.01 -4.42
CA THR A 81 5.31 4.89 -4.92
CA THR A 81 5.04 5.18 -5.33
C THR A 81 4.69 3.53 -5.21
C THR A 81 4.31 3.87 -5.61
N GLY A 82 4.24 2.84 -4.16
N GLY A 82 3.88 3.19 -4.55
CA GLY A 82 3.59 1.56 -4.37
CA GLY A 82 3.10 1.98 -4.73
C GLY A 82 2.33 1.70 -5.21
C GLY A 82 1.90 2.20 -5.63
N LYS A 83 1.55 2.74 -4.96
N LYS A 83 1.19 3.32 -5.42
CA LYS A 83 0.31 2.95 -5.70
CA LYS A 83 0.06 3.65 -6.26
C LYS A 83 0.57 3.16 -7.19
C LYS A 83 0.47 3.78 -7.73
N SER A 84 1.59 3.96 -7.54
N SER A 84 1.56 4.52 -7.98
CA SER A 84 1.91 4.16 -8.94
CA SER A 84 2.00 4.74 -9.35
C SER A 84 2.33 2.85 -9.59
C SER A 84 2.36 3.43 -10.02
N ILE A 85 3.10 2.05 -8.88
N ILE A 85 3.15 2.61 -9.34
CA ILE A 85 3.54 0.77 -9.43
CA ILE A 85 3.51 1.30 -9.90
C ILE A 85 2.36 -0.17 -9.61
C ILE A 85 2.27 0.41 -9.99
N PHE A 86 1.45 -0.20 -8.63
N PHE A 86 1.40 0.46 -8.97
CA PHE A 86 0.24 -1.00 -8.77
CA PHE A 86 0.20 -0.38 -9.01
C PHE A 86 -0.55 -0.58 -9.99
C PHE A 86 -0.67 -0.06 -10.21
N ASN A 87 -0.77 0.72 -10.15
N ASN A 87 -0.85 1.23 -10.52
CA ASN A 87 -1.60 1.17 -11.27
CA ASN A 87 -1.56 1.59 -11.74
C ASN A 87 -0.95 0.79 -12.61
C ASN A 87 -0.83 1.09 -12.97
N ALA A 88 0.36 0.95 -12.72
N ALA A 88 0.50 0.98 -12.89
CA ALA A 88 1.04 0.51 -13.94
CA ALA A 88 1.27 0.46 -14.02
C ALA A 88 0.85 -1.00 -14.15
C ALA A 88 1.12 -1.05 -14.17
N MET A 89 0.88 -1.76 -13.06
CA MET A 89 0.66 -3.21 -13.15
C MET A 89 -0.73 -3.50 -13.73
N VAL A 90 -1.74 -2.78 -13.24
CA VAL A 90 -3.10 -2.95 -13.74
C VAL A 90 -3.17 -2.65 -15.22
N ALA A 91 -2.48 -1.59 -15.65
CA ALA A 91 -2.42 -1.25 -17.07
C ALA A 91 -1.73 -2.34 -17.88
N ALA A 92 -0.62 -2.87 -17.35
CA ALA A 92 0.04 -3.98 -18.03
C ALA A 92 -0.89 -5.16 -18.19
N PHE A 93 -1.73 -5.42 -17.19
CA PHE A 93 -2.67 -6.54 -17.30
C PHE A 93 -3.71 -6.27 -18.39
N LYS A 94 -4.29 -5.07 -18.39
N LYS A 94 -4.28 -5.07 -18.40
CA LYS A 94 -5.21 -4.66 -19.44
CA LYS A 94 -5.22 -4.69 -19.45
C LYS A 94 -4.59 -4.83 -20.82
C LYS A 94 -4.60 -4.80 -20.83
N ASN A 95 -3.32 -4.45 -20.97
CA ASN A 95 -2.62 -4.48 -22.25
C ASN A 95 -2.14 -5.86 -22.66
N GLY A 96 -2.22 -6.86 -21.79
CA GLY A 96 -1.65 -8.17 -22.07
C GLY A 96 -0.13 -8.24 -22.03
N ASP A 97 0.52 -7.33 -21.32
CA ASP A 97 1.97 -7.26 -21.29
C ASP A 97 2.48 -7.97 -20.04
N ASP A 98 2.70 -9.28 -20.16
CA ASP A 98 3.07 -10.07 -19.00
C ASP A 98 4.48 -9.74 -18.54
N ASP A 99 5.35 -9.30 -19.46
CA ASP A 99 6.69 -8.89 -19.07
C ASP A 99 6.65 -7.67 -18.16
N SER A 100 5.88 -6.66 -18.54
CA SER A 100 5.74 -5.50 -17.65
C SER A 100 5.01 -5.88 -16.37
N PHE A 101 4.00 -6.74 -16.46
CA PHE A 101 3.28 -7.14 -15.24
C PHE A 101 4.23 -7.78 -14.24
N GLU A 102 5.09 -8.67 -14.70
CA GLU A 102 6.07 -9.31 -13.84
C GLU A 102 7.00 -8.28 -13.19
N SER A 103 7.51 -7.35 -14.00
CA SER A 103 8.42 -6.31 -13.51
C SER A 103 7.75 -5.48 -12.42
N TYR A 104 6.57 -4.94 -12.70
N TYR A 104 6.62 -4.85 -12.75
CA TYR A 104 5.85 -4.15 -11.72
CA TYR A 104 5.93 -4.00 -11.79
C TYR A 104 5.53 -4.95 -10.46
C TYR A 104 5.57 -4.77 -10.53
N LEU A 105 5.21 -6.24 -10.60
N LEU A 105 5.14 -6.03 -10.69
CA LEU A 105 4.85 -7.05 -9.45
CA LEU A 105 4.81 -6.85 -9.52
C LEU A 105 6.04 -7.18 -8.48
C LEU A 105 6.02 -7.01 -8.62
N GLN A 106 7.22 -7.50 -9.03
N GLN A 106 7.19 -7.29 -9.20
CA GLN A 106 8.43 -7.59 -8.21
CA GLN A 106 8.41 -7.35 -8.41
C GLN A 106 8.78 -6.26 -7.56
C GLN A 106 8.74 -6.00 -7.81
N ALA A 107 8.66 -5.16 -8.33
N ALA A 107 8.40 -4.91 -8.50
CA ALA A 107 8.96 -3.85 -7.75
CA ALA A 107 8.66 -3.58 -7.95
C ALA A 107 8.00 -3.53 -6.61
C ALA A 107 7.85 -3.33 -6.69
N LEU A 108 6.71 -3.82 -6.79
N LEU A 108 6.57 -3.73 -6.69
CA LEU A 108 5.74 -3.53 -5.73
CA LEU A 108 5.75 -3.55 -5.49
C LEU A 108 6.03 -4.35 -4.48
C LEU A 108 6.31 -4.35 -4.32
N GLU A 109 6.55 -5.57 -4.65
N GLU A 109 6.93 -5.50 -4.60
CA GLU A 109 6.95 -6.38 -3.49
CA GLU A 109 7.53 -6.28 -3.53
C GLU A 109 8.12 -5.74 -2.75
C GLU A 109 8.74 -5.58 -2.93
N LYS A 110 9.14 -5.25 -3.47
N LYS A 110 9.44 -4.75 -3.71
CA LYS A 110 10.31 -4.70 -2.81
CA LYS A 110 10.52 -3.94 -3.17
C LYS A 110 10.02 -3.36 -2.17
C LYS A 110 10.04 -2.60 -2.62
N VAL A 111 9.12 -2.56 -2.75
N VAL A 111 8.82 -2.19 -2.97
CA VAL A 111 8.71 -1.31 -2.11
CA VAL A 111 8.21 -1.02 -2.33
C VAL A 111 7.95 -1.59 -0.83
C VAL A 111 7.59 -1.39 -0.98
N THR A 112 7.10 -2.61 -0.83
CA THR A 112 6.38 -3.00 0.37
C THR A 112 7.33 -3.53 1.43
N ALA A 113 8.28 -4.38 1.05
CA ALA A 113 9.23 -4.92 2.00
C ALA A 113 10.06 -3.80 2.63
N LYS A 114 10.53 -2.85 1.82
N LYS A 114 10.52 -2.85 1.82
CA LYS A 114 11.32 -1.76 2.35
CA LYS A 114 11.35 -1.77 2.34
C LYS A 114 10.53 -0.97 3.39
C LYS A 114 10.60 -0.94 3.37
N GLY A 115 9.28 -0.64 3.07
N GLY A 115 9.34 -0.62 3.10
CA GLY A 115 8.51 0.27 3.90
CA GLY A 115 8.60 0.29 3.94
C GLY A 115 8.00 -0.30 5.20
C GLY A 115 7.98 -0.30 5.20
N GLU A 116 8.47 -1.49 5.57
N GLU A 116 8.41 -1.50 5.60
CA GLU A 116 7.90 -2.17 6.74
CA GLU A 116 7.81 -2.14 6.76
C GLU A 116 8.53 -1.74 8.06
C GLU A 116 8.44 -1.73 8.07
N THR A 117 9.82 -1.43 8.08
N THR A 117 9.74 -1.45 8.10
CA THR A 117 10.40 -0.95 9.33
CA THR A 117 10.33 -0.97 9.34
C THR A 117 9.77 0.38 9.74
C THR A 117 9.75 0.38 9.74
N LEU A 118 9.46 1.24 8.76
CA LEU A 118 8.80 2.50 9.05
C LEU A 118 7.36 2.27 9.51
N ALA A 119 6.66 1.31 8.89
N ALA A 119 6.67 1.30 8.91
CA ALA A 119 5.30 1.01 9.32
CA ALA A 119 5.31 0.97 9.35
C ALA A 119 5.29 0.63 10.80
C ALA A 119 5.30 0.60 10.83
N ASP A 120 6.25 -0.18 11.23
N ASP A 120 6.30 -0.16 11.28
CA ASP A 120 6.33 -0.51 12.65
CA ASP A 120 6.37 -0.50 12.69
C ASP A 120 6.71 0.70 13.49
C ASP A 120 6.82 0.69 13.54
N GLN A 121 7.58 1.58 12.98
N GLN A 121 7.63 1.59 12.97
CA GLN A 121 7.97 2.77 13.75
CA GLN A 121 8.00 2.80 13.70
C GLN A 121 6.79 3.70 14.00
C GLN A 121 6.77 3.65 14.01
N ILE A 122 5.88 3.80 13.02
CA ILE A 122 4.72 4.65 13.20
C ILE A 122 3.83 4.12 14.31
N ALA A 123 3.62 2.80 14.36
CA ALA A 123 2.80 2.25 15.43
C ALA A 123 3.30 2.72 16.80
N LYS A 124 4.62 2.73 16.98
N LYS A 124 4.61 2.73 16.98
CA LYS A 124 5.17 3.10 18.28
CA LYS A 124 5.19 3.09 18.27
C LYS A 124 5.13 4.60 18.53
C LYS A 124 5.15 4.59 18.52
N ALA A 125 5.10 5.40 17.47
CA ALA A 125 5.16 6.85 17.64
C ALA A 125 3.82 7.50 17.94
N LEU A 126 2.71 6.89 17.55
N LEU A 126 2.71 6.88 17.53
CA LEU A 126 1.42 7.57 17.62
CA LEU A 126 1.39 7.47 17.71
C LEU A 126 0.93 7.74 19.05
C LEU A 126 0.94 7.36 19.15
#